data_1AJ2
#
_entry.id   1AJ2
#
_cell.length_a   93.500
_cell.length_b   60.940
_cell.length_c   59.930
_cell.angle_alpha   90.00
_cell.angle_beta   114.80
_cell.angle_gamma   90.00
#
_symmetry.space_group_name_H-M   'C 1 21 1'
#
loop_
_entity.id
_entity.type
_entity.pdbx_description
1 polymer 'DIHYDROPTEROATE SYNTHASE'
2 non-polymer 'SULFATE ION'
3 non-polymer '[7,8-DIHYDRO-PTERIN-6-YL METHANYL]-PHOSPHONOPHOSPHATE'
4 water water
#
_entity_poly.entity_id   1
_entity_poly.type   'polypeptide(L)'
_entity_poly.pdbx_seq_one_letter_code
;MKLFAQGTSLDLSHPHVMGILNVTPDSFSDGGTHNSLIDAVKHANLMINAGATIIDVGGESTRPGAAEVSVEEELQRVIP
VVEAIAQRFEVWISVDTSKPEVIRESAKVGAHIINDIRSLSEPGALEAAAETGLPVCLMHMQGNPKTMQEAPKYDDVFAE
VNRYFIEQIARCEQAGIAKEKLLLDPGFGFGKNLSHNYSLLARLAEFHHFNLPLLVGMSRKSMIGQLLNVGPSERLSGSL
ACAVIAAMQGAHIIRVHDVKETVEAMRVVEATLSAKENKRYE
;
_entity_poly.pdbx_strand_id   A
#
loop_
_chem_comp.id
_chem_comp.type
_chem_comp.name
_chem_comp.formula
2PH non-polymer '[7,8-DIHYDRO-PTERIN-6-YL METHANYL]-PHOSPHONOPHOSPHATE' 'C7 H11 N5 O8 P2'
SO4 non-polymer 'SULFATE ION' 'O4 S -2'
#
# COMPACT_ATOMS: atom_id res chain seq x y z
N MET A 1 12.47 5.00 -12.89
CA MET A 1 12.43 3.51 -12.62
C MET A 1 11.15 3.05 -13.28
N LYS A 2 10.98 1.74 -13.41
CA LYS A 2 9.84 1.16 -14.09
C LYS A 2 9.64 -0.18 -13.44
N LEU A 3 8.35 -0.52 -13.27
CA LEU A 3 7.92 -1.83 -12.80
C LEU A 3 7.37 -2.48 -14.06
N PHE A 4 7.44 -3.77 -14.27
CA PHE A 4 6.84 -4.45 -15.43
C PHE A 4 6.02 -5.55 -14.82
N ALA A 5 4.73 -5.66 -15.20
CA ALA A 5 3.81 -6.70 -14.73
C ALA A 5 2.73 -6.83 -15.75
N GLN A 6 2.35 -8.09 -15.85
CA GLN A 6 1.23 -8.55 -16.69
C GLN A 6 1.34 -8.10 -18.15
N GLY A 7 2.52 -7.84 -18.66
CA GLY A 7 2.63 -7.43 -20.04
C GLY A 7 2.65 -5.92 -20.14
N THR A 8 2.69 -5.18 -19.04
CA THR A 8 2.70 -3.72 -19.04
C THR A 8 3.73 -3.14 -18.11
N SER A 9 4.06 -1.85 -18.22
CA SER A 9 4.96 -1.21 -17.28
C SER A 9 4.25 -0.07 -16.59
N LEU A 10 4.88 0.24 -15.48
CA LEU A 10 4.50 1.34 -14.63
C LEU A 10 5.75 2.21 -14.64
N ASP A 11 5.68 3.50 -14.95
CA ASP A 11 6.82 4.39 -14.88
C ASP A 11 6.78 5.26 -13.64
N LEU A 12 7.77 5.06 -12.78
CA LEU A 12 7.83 5.71 -11.47
C LEU A 12 8.61 7.00 -11.37
N SER A 13 8.73 7.74 -12.45
CA SER A 13 9.47 9.01 -12.46
C SER A 13 8.69 10.10 -11.78
N HIS A 14 7.41 9.87 -11.69
CA HIS A 14 6.52 10.84 -11.08
C HIS A 14 5.76 9.96 -10.12
N PRO A 15 5.26 10.51 -9.02
CA PRO A 15 4.38 9.81 -8.07
C PRO A 15 3.01 9.35 -8.51
N HIS A 16 2.68 8.11 -8.21
CA HIS A 16 1.35 7.54 -8.46
C HIS A 16 0.48 7.52 -7.21
N VAL A 17 -0.77 7.83 -7.41
CA VAL A 17 -1.75 7.76 -6.36
C VAL A 17 -2.48 6.40 -6.45
N MET A 18 -2.38 5.64 -5.39
CA MET A 18 -3.01 4.32 -5.29
C MET A 18 -4.31 4.48 -4.51
N GLY A 19 -5.44 4.23 -5.13
CA GLY A 19 -6.72 4.35 -4.45
C GLY A 19 -7.02 3.14 -3.64
N ILE A 20 -7.77 3.26 -2.56
CA ILE A 20 -8.09 2.12 -1.70
C ILE A 20 -9.51 1.56 -2.01
N LEU A 21 -9.68 0.24 -2.09
CA LEU A 21 -10.94 -0.42 -2.33
C LEU A 21 -10.98 -1.59 -1.34
N ASN A 22 -11.64 -1.50 -0.22
CA ASN A 22 -11.55 -2.56 0.76
C ASN A 22 -12.82 -3.33 0.50
N VAL A 23 -12.80 -4.66 0.34
CA VAL A 23 -13.95 -5.51 0.03
C VAL A 23 -14.10 -6.59 1.10
N THR A 24 -14.27 -6.12 2.33
CA THR A 24 -14.40 -7.01 3.46
C THR A 24 -15.85 -7.58 3.56
N PRO A 25 -16.02 -8.68 4.31
CA PRO A 25 -17.32 -9.19 4.74
C PRO A 25 -18.39 -8.19 5.25
N ASP A 26 -17.89 -7.21 6.02
CA ASP A 26 -18.75 -6.24 6.65
C ASP A 26 -19.00 -5.09 5.74
N SER A 27 -18.39 -5.08 4.59
CA SER A 27 -18.69 -4.08 3.57
C SER A 27 -19.14 -4.65 2.20
N PHE A 28 -18.89 -5.91 1.82
CA PHE A 28 -19.16 -6.50 0.50
C PHE A 28 -20.10 -7.65 0.82
N SER A 29 -21.23 -7.00 0.96
CA SER A 29 -22.43 -7.53 1.54
C SER A 29 -23.04 -8.89 1.19
N ASP A 30 -23.56 -9.00 2.42
CA ASP A 30 -24.47 -10.00 2.96
C ASP A 30 -24.09 -11.39 2.46
N GLY A 31 -23.81 -12.12 3.54
CA GLY A 31 -23.44 -13.52 3.46
C GLY A 31 -22.19 -13.80 2.61
N GLY A 32 -22.44 -14.05 1.32
CA GLY A 32 -21.42 -14.48 0.43
C GLY A 32 -21.58 -13.81 -0.91
N THR A 33 -21.08 -12.55 -0.86
CA THR A 33 -20.88 -11.69 -2.04
C THR A 33 -22.05 -11.13 -2.90
N HIS A 34 -22.52 -9.92 -2.56
CA HIS A 34 -23.63 -9.37 -3.36
C HIS A 34 -23.34 -8.65 -4.70
N ASN A 35 -24.46 -7.98 -5.06
CA ASN A 35 -24.58 -6.93 -6.10
C ASN A 35 -23.65 -5.81 -5.57
N SER A 36 -23.02 -5.92 -4.40
CA SER A 36 -21.91 -5.08 -3.99
C SER A 36 -20.86 -5.16 -5.11
N LEU A 37 -20.83 -6.19 -5.96
CA LEU A 37 -19.96 -6.25 -7.13
C LEU A 37 -20.16 -5.02 -8.03
N ILE A 38 -21.36 -4.50 -8.27
CA ILE A 38 -21.44 -3.31 -9.13
C ILE A 38 -20.85 -2.12 -8.35
N ASP A 39 -21.06 -1.99 -7.05
CA ASP A 39 -20.54 -0.86 -6.30
C ASP A 39 -19.00 -0.82 -6.37
N ALA A 40 -18.39 -1.98 -6.12
CA ALA A 40 -16.94 -2.13 -6.19
C ALA A 40 -16.40 -1.58 -7.51
N VAL A 41 -17.03 -2.09 -8.57
CA VAL A 41 -16.67 -1.75 -9.94
C VAL A 41 -16.99 -0.28 -10.26
N LYS A 42 -17.98 0.31 -9.61
CA LYS A 42 -18.28 1.73 -9.80
C LYS A 42 -17.30 2.63 -9.02
N HIS A 43 -16.94 2.18 -7.81
CA HIS A 43 -16.00 2.88 -6.96
C HIS A 43 -14.68 2.93 -7.69
N ALA A 44 -14.17 1.82 -8.23
CA ALA A 44 -12.92 1.84 -8.99
C ALA A 44 -12.93 2.91 -10.12
N ASN A 45 -14.07 2.99 -10.83
CA ASN A 45 -14.25 3.88 -11.97
C ASN A 45 -14.15 5.33 -11.54
N LEU A 46 -14.77 5.72 -10.45
CA LEU A 46 -14.61 7.09 -9.97
C LEU A 46 -13.15 7.38 -9.64
N MET A 47 -12.44 6.47 -8.95
CA MET A 47 -11.06 6.69 -8.55
C MET A 47 -10.19 6.82 -9.79
N ILE A 48 -10.31 5.89 -10.74
CA ILE A 48 -9.59 5.93 -12.01
C ILE A 48 -9.85 7.29 -12.62
N ASN A 49 -11.10 7.70 -12.63
CA ASN A 49 -11.46 9.02 -13.18
C ASN A 49 -11.02 10.18 -12.26
N ALA A 50 -10.71 9.92 -11.00
CA ALA A 50 -10.11 10.96 -10.16
C ALA A 50 -8.62 11.00 -10.45
N GLY A 51 -8.02 10.00 -11.10
CA GLY A 51 -6.63 10.04 -11.53
C GLY A 51 -5.72 8.99 -10.93
N ALA A 52 -6.33 8.06 -10.25
CA ALA A 52 -5.62 6.99 -9.56
C ALA A 52 -4.88 6.13 -10.57
N THR A 53 -3.67 5.66 -10.38
CA THR A 53 -3.08 4.73 -11.34
C THR A 53 -2.92 3.29 -10.86
N ILE A 54 -2.99 3.11 -9.54
CA ILE A 54 -3.05 1.78 -8.98
C ILE A 54 -4.25 1.73 -8.04
N ILE A 55 -5.03 0.66 -8.03
CA ILE A 55 -6.10 0.50 -7.03
C ILE A 55 -5.64 -0.66 -6.11
N ASP A 56 -5.72 -0.51 -4.78
CA ASP A 56 -5.37 -1.56 -3.87
C ASP A 56 -6.65 -2.19 -3.32
N VAL A 57 -6.92 -3.38 -3.84
CA VAL A 57 -8.10 -4.16 -3.47
C VAL A 57 -7.74 -5.11 -2.36
N GLY A 58 -8.43 -5.01 -1.24
CA GLY A 58 -8.09 -5.90 -0.17
C GLY A 58 -9.28 -6.35 0.56
N GLY A 59 -9.26 -7.55 1.06
CA GLY A 59 -10.39 -8.09 1.82
C GLY A 59 -10.26 -8.13 3.33
N GLU A 60 -9.21 -7.63 3.94
CA GLU A 60 -9.10 -7.68 5.38
C GLU A 60 -9.03 -6.22 5.75
N SER A 61 -9.47 -5.99 6.97
CA SER A 61 -9.22 -4.76 7.63
C SER A 61 -8.05 -5.11 8.53
N THR A 62 -7.24 -4.14 8.89
CA THR A 62 -6.11 -4.34 9.77
C THR A 62 -6.23 -3.39 10.92
N ARG A 63 -7.33 -2.65 11.09
CA ARG A 63 -7.44 -1.76 12.26
C ARG A 63 -7.47 -2.63 13.54
N PRO A 64 -7.22 -2.11 14.75
CA PRO A 64 -7.30 -2.84 16.02
C PRO A 64 -8.58 -3.60 16.31
N GLY A 65 -8.42 -4.84 16.68
CA GLY A 65 -9.49 -5.72 17.00
C GLY A 65 -10.22 -6.04 15.74
N ALA A 66 -9.59 -6.21 14.60
CA ALA A 66 -10.31 -6.42 13.35
C ALA A 66 -10.51 -7.91 13.28
N ALA A 67 -11.64 -8.40 12.76
CA ALA A 67 -11.85 -9.83 12.70
C ALA A 67 -10.98 -10.53 11.68
N GLU A 68 -10.64 -11.79 11.96
CA GLU A 68 -9.92 -12.60 10.94
C GLU A 68 -10.99 -12.87 9.85
N VAL A 69 -10.49 -13.09 8.64
CA VAL A 69 -11.26 -13.31 7.41
C VAL A 69 -10.73 -14.68 6.98
N SER A 70 -11.53 -15.58 6.41
CA SER A 70 -11.03 -16.88 5.96
C SER A 70 -10.68 -16.76 4.45
N VAL A 71 -9.94 -17.74 3.92
CA VAL A 71 -9.55 -17.79 2.51
C VAL A 71 -10.82 -17.78 1.65
N GLU A 72 -11.93 -18.41 2.04
CA GLU A 72 -13.11 -18.51 1.18
C GLU A 72 -13.68 -17.12 1.07
N GLU A 73 -13.81 -16.48 2.20
CA GLU A 73 -14.35 -15.14 2.24
C GLU A 73 -13.44 -14.24 1.43
N GLU A 74 -12.10 -14.38 1.44
CA GLU A 74 -11.24 -13.53 0.61
C GLU A 74 -11.44 -13.89 -0.84
N LEU A 75 -11.55 -15.17 -1.18
CA LEU A 75 -11.57 -15.55 -2.60
C LEU A 75 -12.88 -15.19 -3.22
N GLN A 76 -13.92 -15.10 -2.42
CA GLN A 76 -15.24 -14.71 -2.94
C GLN A 76 -15.35 -13.23 -3.28
N ARG A 77 -14.69 -12.42 -2.49
CA ARG A 77 -14.72 -10.99 -2.58
C ARG A 77 -13.61 -10.42 -3.46
N VAL A 78 -12.38 -10.60 -3.07
CA VAL A 78 -11.26 -10.02 -3.78
C VAL A 78 -11.14 -10.43 -5.25
N ILE A 79 -11.12 -11.73 -5.52
CA ILE A 79 -10.91 -12.20 -6.89
C ILE A 79 -12.00 -11.70 -7.86
N PRO A 80 -13.33 -11.84 -7.72
CA PRO A 80 -14.26 -11.27 -8.72
C PRO A 80 -14.17 -9.75 -8.90
N VAL A 81 -13.75 -8.99 -7.89
CA VAL A 81 -13.55 -7.55 -8.03
C VAL A 81 -12.26 -7.27 -8.82
N VAL A 82 -11.22 -8.09 -8.61
CA VAL A 82 -9.96 -7.94 -9.33
C VAL A 82 -10.26 -8.27 -10.79
N GLU A 83 -10.86 -9.40 -11.08
CA GLU A 83 -11.16 -9.76 -12.48
C GLU A 83 -12.05 -8.78 -13.27
N ALA A 84 -13.06 -8.28 -12.60
CA ALA A 84 -13.97 -7.33 -13.21
C ALA A 84 -13.17 -6.09 -13.55
N ILE A 85 -12.33 -5.57 -12.64
CA ILE A 85 -11.60 -4.32 -12.91
C ILE A 85 -10.63 -4.50 -14.07
N ALA A 86 -9.77 -5.49 -14.03
CA ALA A 86 -8.83 -5.74 -15.13
C ALA A 86 -9.50 -5.96 -16.48
N GLN A 87 -10.75 -6.45 -16.50
CA GLN A 87 -11.46 -6.60 -17.77
C GLN A 87 -11.92 -5.22 -18.22
N ARG A 88 -12.50 -4.49 -17.29
CA ARG A 88 -13.04 -3.23 -17.69
C ARG A 88 -11.96 -2.17 -17.90
N PHE A 89 -10.86 -2.03 -17.19
CA PHE A 89 -10.14 -0.77 -17.29
C PHE A 89 -8.67 -1.02 -17.48
N GLU A 90 -7.84 -0.04 -17.81
CA GLU A 90 -6.39 -0.33 -17.91
C GLU A 90 -5.52 0.08 -16.68
N VAL A 91 -6.08 0.20 -15.48
CA VAL A 91 -5.34 0.49 -14.26
C VAL A 91 -4.45 -0.69 -13.82
N TRP A 92 -3.57 -0.40 -12.87
CA TRP A 92 -2.76 -1.41 -12.20
C TRP A 92 -3.52 -1.72 -10.91
N ILE A 93 -3.42 -2.98 -10.51
CA ILE A 93 -4.21 -3.54 -9.45
C ILE A 93 -3.24 -4.15 -8.46
N SER A 94 -3.26 -3.79 -7.19
CA SER A 94 -2.49 -4.44 -6.13
C SER A 94 -3.50 -5.20 -5.32
N VAL A 95 -3.11 -6.34 -4.80
CA VAL A 95 -4.00 -7.13 -4.02
C VAL A 95 -3.34 -7.03 -2.68
N ASP A 96 -4.14 -6.70 -1.70
CA ASP A 96 -3.64 -6.62 -0.35
C ASP A 96 -4.12 -7.86 0.37
N THR A 97 -3.40 -8.94 0.13
CA THR A 97 -3.70 -10.20 0.78
C THR A 97 -2.43 -10.71 1.45
N SER A 98 -2.56 -11.70 2.35
CA SER A 98 -1.48 -12.46 3.04
C SER A 98 -1.65 -13.94 2.76
N LYS A 99 -2.72 -14.36 2.11
CA LYS A 99 -2.91 -15.77 1.95
C LYS A 99 -2.31 -16.17 0.62
N PRO A 100 -1.61 -17.29 0.63
CA PRO A 100 -1.06 -17.89 -0.57
C PRO A 100 -2.07 -18.10 -1.73
N GLU A 101 -3.24 -18.68 -1.44
CA GLU A 101 -4.28 -18.97 -2.43
C GLU A 101 -4.81 -17.75 -3.16
N VAL A 102 -4.97 -16.71 -2.39
CA VAL A 102 -5.44 -15.47 -2.90
C VAL A 102 -4.29 -14.84 -3.71
N ILE A 103 -3.02 -15.00 -3.37
CA ILE A 103 -1.91 -14.50 -4.18
C ILE A 103 -1.93 -15.26 -5.52
N ARG A 104 -1.86 -16.58 -5.53
CA ARG A 104 -1.94 -17.38 -6.76
C ARG A 104 -3.15 -17.08 -7.63
N GLU A 105 -4.32 -16.89 -7.06
CA GLU A 105 -5.48 -16.57 -7.88
C GLU A 105 -5.58 -15.15 -8.43
N SER A 106 -5.06 -14.16 -7.70
CA SER A 106 -5.10 -12.77 -8.19
C SER A 106 -4.22 -12.65 -9.41
N ALA A 107 -3.13 -13.42 -9.37
CA ALA A 107 -2.15 -13.45 -10.44
C ALA A 107 -2.91 -13.87 -11.66
N LYS A 108 -3.58 -15.01 -11.60
CA LYS A 108 -4.26 -15.50 -12.79
C LYS A 108 -5.32 -14.53 -13.33
N VAL A 109 -6.11 -13.84 -12.50
CA VAL A 109 -7.15 -12.98 -13.08
C VAL A 109 -6.67 -11.60 -13.51
N GLY A 110 -5.38 -11.25 -13.35
CA GLY A 110 -4.83 -9.98 -13.84
C GLY A 110 -4.26 -9.03 -12.77
N ALA A 111 -3.92 -9.37 -11.54
CA ALA A 111 -3.40 -8.33 -10.62
C ALA A 111 -1.96 -8.09 -10.93
N HIS A 112 -1.49 -6.93 -10.53
CA HIS A 112 -0.17 -6.46 -10.90
C HIS A 112 0.82 -6.44 -9.78
N ILE A 113 0.48 -6.06 -8.57
CA ILE A 113 1.46 -5.97 -7.45
C ILE A 113 0.90 -6.77 -6.25
N ILE A 114 1.69 -7.54 -5.52
CA ILE A 114 1.15 -8.14 -4.31
C ILE A 114 1.64 -7.16 -3.26
N ASN A 115 0.69 -6.70 -2.45
CA ASN A 115 0.87 -5.69 -1.43
C ASN A 115 0.39 -6.25 -0.09
N ASP A 116 1.15 -7.23 0.36
CA ASP A 116 0.90 -7.94 1.57
C ASP A 116 1.45 -7.15 2.75
N ILE A 117 0.71 -6.50 3.61
CA ILE A 117 1.26 -5.78 4.75
C ILE A 117 2.00 -6.71 5.70
N ARG A 118 1.75 -8.00 5.69
CA ARG A 118 2.55 -8.96 6.47
C ARG A 118 3.87 -9.36 5.77
N SER A 119 4.24 -8.78 4.63
CA SER A 119 5.53 -9.01 3.95
C SER A 119 5.82 -10.49 3.71
N LEU A 120 4.88 -11.24 3.13
CA LEU A 120 4.94 -12.70 2.94
C LEU A 120 5.41 -13.58 4.13
N SER A 121 5.01 -13.31 5.35
CA SER A 121 5.49 -14.10 6.47
C SER A 121 4.61 -15.27 6.85
N GLU A 122 3.48 -15.43 6.18
CA GLU A 122 2.58 -16.55 6.44
C GLU A 122 3.05 -17.74 5.61
N PRO A 123 3.04 -18.92 6.25
CA PRO A 123 3.32 -20.21 5.62
C PRO A 123 2.93 -20.34 4.16
N GLY A 124 3.91 -20.28 3.28
CA GLY A 124 3.60 -20.56 1.90
C GLY A 124 3.44 -19.32 1.07
N ALA A 125 3.47 -18.15 1.71
CA ALA A 125 3.22 -16.88 1.01
C ALA A 125 4.34 -16.50 0.04
N LEU A 126 5.59 -16.46 0.50
CA LEU A 126 6.78 -16.06 -0.26
C LEU A 126 6.95 -16.81 -1.59
N GLU A 127 6.86 -18.14 -1.53
CA GLU A 127 6.91 -18.96 -2.75
C GLU A 127 5.69 -18.76 -3.66
N ALA A 128 4.47 -18.49 -3.16
CA ALA A 128 3.33 -18.17 -4.04
C ALA A 128 3.65 -16.86 -4.78
N ALA A 129 4.18 -15.84 -4.07
CA ALA A 129 4.59 -14.59 -4.71
C ALA A 129 5.67 -14.90 -5.72
N ALA A 130 6.58 -15.78 -5.36
CA ALA A 130 7.72 -16.07 -6.21
C ALA A 130 7.28 -16.72 -7.52
N GLU A 131 6.41 -17.72 -7.48
CA GLU A 131 5.96 -18.37 -8.72
C GLU A 131 5.12 -17.46 -9.60
N THR A 132 4.42 -16.56 -8.95
CA THR A 132 3.64 -15.54 -9.60
C THR A 132 4.63 -14.71 -10.42
N GLY A 133 5.70 -14.20 -9.82
CA GLY A 133 6.65 -13.34 -10.51
C GLY A 133 6.31 -11.85 -10.54
N LEU A 134 5.45 -11.38 -9.66
CA LEU A 134 4.97 -9.99 -9.74
C LEU A 134 5.75 -9.14 -8.72
N PRO A 135 5.82 -7.80 -8.87
CA PRO A 135 6.26 -6.87 -7.85
C PRO A 135 5.60 -7.14 -6.49
N VAL A 136 6.37 -7.06 -5.40
CA VAL A 136 5.91 -7.34 -4.05
C VAL A 136 6.24 -6.14 -3.20
N CYS A 137 5.39 -5.69 -2.33
CA CYS A 137 5.70 -4.56 -1.50
C CYS A 137 6.12 -5.11 -0.14
N LEU A 138 7.22 -4.69 0.53
CA LEU A 138 7.60 -5.17 1.86
C LEU A 138 7.35 -4.03 2.84
N MET A 139 6.70 -4.36 3.94
CA MET A 139 6.31 -3.34 4.92
C MET A 139 6.79 -3.61 6.32
N HIS A 140 7.29 -2.61 6.97
CA HIS A 140 7.70 -2.75 8.34
C HIS A 140 6.45 -2.81 9.21
N MET A 141 6.34 -3.81 10.07
CA MET A 141 5.31 -3.88 11.08
C MET A 141 5.98 -4.38 12.36
N GLN A 142 5.65 -3.91 13.54
CA GLN A 142 6.10 -4.50 14.80
C GLN A 142 4.85 -4.82 15.64
N GLY A 143 4.73 -6.05 16.09
CA GLY A 143 3.57 -6.47 16.88
C GLY A 143 2.45 -6.88 15.94
N ASN A 144 1.19 -7.14 16.35
CA ASN A 144 0.15 -7.51 15.39
C ASN A 144 -0.74 -6.25 15.25
N PRO A 145 -0.97 -5.78 14.01
CA PRO A 145 -1.85 -4.61 13.76
C PRO A 145 -3.19 -4.62 14.52
N LYS A 146 -3.86 -5.76 14.55
CA LYS A 146 -5.22 -5.83 15.03
C LYS A 146 -5.28 -6.00 16.54
N THR A 147 -4.29 -5.65 17.33
CA THR A 147 -4.39 -5.75 18.76
C THR A 147 -4.66 -4.34 19.33
N MET A 148 -4.96 -4.35 20.62
CA MET A 148 -5.30 -3.19 21.45
C MET A 148 -4.11 -2.96 22.46
N GLN A 149 -2.87 -3.18 21.93
CA GLN A 149 -1.60 -3.13 22.68
C GLN A 149 -1.01 -1.79 22.30
N GLU A 150 -0.37 -1.19 23.32
CA GLU A 150 0.30 0.09 23.13
C GLU A 150 1.59 -0.15 22.39
N ALA A 151 2.23 0.99 22.06
CA ALA A 151 3.35 0.87 21.08
C ALA A 151 4.69 0.48 21.68
N PRO A 152 5.50 -0.21 20.83
CA PRO A 152 6.85 -0.65 21.19
C PRO A 152 7.64 0.59 21.55
N LYS A 153 8.78 0.19 22.09
CA LYS A 153 9.81 1.09 22.49
C LYS A 153 10.81 0.72 21.35
N TYR A 154 11.44 1.68 20.72
CA TYR A 154 12.47 1.38 19.75
C TYR A 154 13.66 2.06 20.36
N ASP A 155 14.84 1.50 20.15
CA ASP A 155 16.06 2.16 20.60
C ASP A 155 16.20 3.31 19.66
N ASP A 156 15.91 2.96 18.39
CA ASP A 156 15.82 3.91 17.30
C ASP A 156 14.94 3.21 16.26
N VAL A 157 13.92 3.94 15.86
CA VAL A 157 12.96 3.41 14.91
C VAL A 157 13.52 3.46 13.49
N PHE A 158 14.28 4.47 13.06
CA PHE A 158 14.80 4.48 11.70
C PHE A 158 15.73 3.30 11.46
N ALA A 159 16.67 3.12 12.36
CA ALA A 159 17.65 2.04 12.30
C ALA A 159 17.00 0.67 12.30
N GLU A 160 15.95 0.51 13.11
CA GLU A 160 15.18 -0.73 13.15
C GLU A 160 14.38 -0.95 11.86
N VAL A 161 13.58 0.00 11.35
CA VAL A 161 12.93 -0.12 10.03
C VAL A 161 13.99 -0.45 8.95
N ASN A 162 15.10 0.29 8.90
CA ASN A 162 16.15 0.02 7.94
C ASN A 162 16.72 -1.41 8.07
N ARG A 163 17.04 -1.97 9.25
CA ARG A 163 17.55 -3.35 9.45
C ARG A 163 16.54 -4.38 8.96
N TYR A 164 15.30 -4.06 9.26
CA TYR A 164 14.17 -4.86 8.76
C TYR A 164 14.19 -4.97 7.21
N PHE A 165 14.39 -3.89 6.48
CA PHE A 165 14.43 -3.96 5.03
C PHE A 165 15.61 -4.75 4.53
N ILE A 166 16.79 -4.53 5.11
CA ILE A 166 17.97 -5.28 4.74
C ILE A 166 17.65 -6.77 4.81
N GLU A 167 17.16 -7.21 5.96
CA GLU A 167 16.78 -8.62 6.20
C GLU A 167 15.76 -9.21 5.22
N GLN A 168 14.70 -8.42 5.04
CA GLN A 168 13.60 -8.83 4.16
C GLN A 168 13.95 -8.96 2.70
N ILE A 169 14.79 -8.07 2.16
CA ILE A 169 15.16 -8.14 0.74
C ILE A 169 15.98 -9.42 0.52
N ALA A 170 16.90 -9.67 1.45
CA ALA A 170 17.68 -10.91 1.37
C ALA A 170 16.77 -12.15 1.34
N ARG A 171 15.81 -12.25 2.26
CA ARG A 171 14.83 -13.33 2.34
C ARG A 171 14.21 -13.57 0.97
N CYS A 172 13.81 -12.46 0.34
CA CYS A 172 13.20 -12.51 -0.96
C CYS A 172 14.10 -12.96 -2.07
N GLU A 173 15.35 -12.48 -2.07
CA GLU A 173 16.31 -12.80 -3.13
C GLU A 173 16.49 -14.29 -2.99
N GLN A 174 16.72 -14.80 -1.80
CA GLN A 174 16.82 -16.25 -1.60
C GLN A 174 15.59 -17.02 -2.07
N ALA A 175 14.34 -16.57 -1.91
CA ALA A 175 13.17 -17.22 -2.51
C ALA A 175 13.17 -17.15 -4.02
N GLY A 176 14.00 -16.32 -4.61
CA GLY A 176 14.05 -16.21 -6.05
C GLY A 176 13.26 -15.02 -6.58
N ILE A 177 12.99 -13.99 -5.76
CA ILE A 177 12.36 -12.75 -6.21
C ILE A 177 13.53 -11.74 -6.27
N ALA A 178 13.80 -11.31 -7.50
CA ALA A 178 14.89 -10.35 -7.74
C ALA A 178 14.62 -9.02 -7.05
N LYS A 179 15.68 -8.42 -6.51
CA LYS A 179 15.62 -7.14 -5.80
C LYS A 179 15.00 -6.10 -6.73
N GLU A 180 15.01 -6.36 -8.02
CA GLU A 180 14.33 -5.56 -9.06
C GLU A 180 12.83 -5.44 -8.92
N LYS A 181 12.16 -6.37 -8.25
CA LYS A 181 10.72 -6.35 -8.16
C LYS A 181 10.20 -5.96 -6.76
N LEU A 182 11.02 -5.45 -5.85
CA LEU A 182 10.53 -5.13 -4.52
C LEU A 182 10.16 -3.69 -4.44
N LEU A 183 9.21 -3.37 -3.60
CA LEU A 183 8.93 -1.98 -3.25
C LEU A 183 9.10 -1.94 -1.73
N LEU A 184 9.52 -0.89 -1.07
CA LEU A 184 9.66 -0.87 0.37
C LEU A 184 8.66 0.13 0.96
N ASP A 185 8.16 -0.07 2.17
CA ASP A 185 7.13 0.78 2.81
C ASP A 185 7.36 0.81 4.31
N PRO A 186 7.65 1.97 4.97
CA PRO A 186 7.98 2.01 6.41
C PRO A 186 6.88 1.58 7.38
N GLY A 187 5.66 1.39 6.93
CA GLY A 187 4.57 0.95 7.74
C GLY A 187 4.12 2.04 8.68
N PHE A 188 3.57 3.14 8.16
CA PHE A 188 3.11 4.24 9.03
C PHE A 188 1.91 3.77 9.85
N GLY A 189 1.97 3.94 11.16
CA GLY A 189 0.91 3.43 11.99
C GLY A 189 1.04 1.97 12.34
N PHE A 190 2.02 1.13 11.98
CA PHE A 190 2.03 -0.25 12.42
C PHE A 190 3.15 -0.51 13.45
N GLY A 191 2.75 -0.48 14.69
CA GLY A 191 3.70 -0.63 15.78
C GLY A 191 4.54 0.59 16.02
N LYS A 192 4.02 1.77 15.77
CA LYS A 192 4.75 3.02 15.93
C LYS A 192 3.85 3.91 16.73
N ASN A 193 4.36 4.89 17.48
CA ASN A 193 3.53 5.82 18.23
C ASN A 193 3.70 7.10 17.43
N LEU A 194 3.07 8.16 17.86
CA LEU A 194 3.10 9.43 17.16
C LEU A 194 4.52 9.89 16.80
N SER A 195 5.43 10.04 17.77
CA SER A 195 6.82 10.42 17.50
C SER A 195 7.51 9.46 16.52
N HIS A 196 7.36 8.14 16.67
CA HIS A 196 8.05 7.19 15.82
C HIS A 196 7.57 7.45 14.41
N ASN A 197 6.28 7.70 14.20
CA ASN A 197 5.74 7.96 12.85
C ASN A 197 6.29 9.25 12.27
N TYR A 198 6.34 10.33 13.00
CA TYR A 198 6.89 11.54 12.41
C TYR A 198 8.42 11.55 12.21
N SER A 199 9.18 10.79 13.00
CA SER A 199 10.59 10.61 12.80
C SER A 199 10.77 9.83 11.49
N LEU A 200 10.03 8.74 11.27
CA LEU A 200 10.06 8.00 10.00
C LEU A 200 9.63 8.88 8.83
N LEU A 201 8.60 9.71 8.94
CA LEU A 201 8.23 10.64 7.88
C LEU A 201 9.36 11.63 7.71
N ALA A 202 9.86 12.30 8.74
CA ALA A 202 10.90 13.35 8.62
C ALA A 202 12.16 12.94 7.81
N ARG A 203 12.57 11.69 7.99
CA ARG A 203 13.72 11.10 7.32
C ARG A 203 13.34 10.17 6.19
N LEU A 204 12.18 10.21 5.54
CA LEU A 204 11.86 9.29 4.45
C LEU A 204 12.82 9.38 3.24
N ALA A 205 13.38 10.56 3.00
CA ALA A 205 14.30 10.76 1.87
C ALA A 205 15.46 9.78 1.93
N GLU A 206 15.84 9.43 3.15
CA GLU A 206 16.96 8.54 3.38
C GLU A 206 16.79 7.05 3.11
N PHE A 207 15.60 6.51 2.92
CA PHE A 207 15.43 5.08 2.58
C PHE A 207 15.70 4.83 1.10
N HIS A 208 16.05 5.89 0.40
CA HIS A 208 16.40 5.83 -1.02
C HIS A 208 17.79 5.21 -1.23
N HIS A 209 18.53 4.85 -0.19
CA HIS A 209 19.86 4.29 -0.40
C HIS A 209 19.74 2.84 -0.88
N PHE A 210 18.56 2.24 -0.73
CA PHE A 210 18.28 0.87 -1.18
C PHE A 210 18.08 0.76 -2.67
N ASN A 211 17.91 1.93 -3.30
CA ASN A 211 17.49 2.12 -4.68
C ASN A 211 16.28 1.29 -5.18
N LEU A 212 15.30 1.17 -4.28
CA LEU A 212 14.06 0.49 -4.55
C LEU A 212 12.94 1.55 -4.53
N PRO A 213 11.76 1.30 -5.13
CA PRO A 213 10.60 2.18 -5.02
C PRO A 213 10.09 2.28 -3.56
N LEU A 214 9.62 3.46 -3.15
CA LEU A 214 9.08 3.71 -1.81
C LEU A 214 7.55 3.78 -1.90
N LEU A 215 6.77 2.99 -1.18
CA LEU A 215 5.30 3.06 -1.16
C LEU A 215 4.95 3.68 0.21
N VAL A 216 4.06 4.61 0.38
CA VAL A 216 3.72 5.15 1.69
C VAL A 216 2.19 5.18 1.92
N GLY A 217 1.70 4.73 3.07
CA GLY A 217 0.29 4.72 3.39
C GLY A 217 0.04 5.48 4.66
N MET A 218 -0.42 6.69 4.54
CA MET A 218 -0.73 7.54 5.69
C MET A 218 -2.15 8.16 5.82
N SER A 219 -3.03 7.88 4.83
CA SER A 219 -4.38 8.42 4.75
C SER A 219 -5.24 8.19 6.03
N ARG A 220 -5.75 9.26 6.66
CA ARG A 220 -6.70 9.23 7.80
C ARG A 220 -6.28 8.35 9.00
N LYS A 221 -4.98 8.14 9.13
CA LYS A 221 -4.46 7.46 10.30
C LYS A 221 -4.34 8.33 11.55
N SER A 222 -4.06 7.62 12.62
CA SER A 222 -3.98 8.14 13.96
C SER A 222 -2.82 9.09 14.11
N MET A 223 -1.82 9.04 13.23
CA MET A 223 -0.69 9.97 13.30
C MET A 223 -1.19 11.36 13.00
N ILE A 224 -2.30 11.50 12.22
CA ILE A 224 -2.98 12.78 11.95
C ILE A 224 -4.06 13.04 13.00
N GLY A 225 -4.91 12.06 13.22
CA GLY A 225 -5.95 12.14 14.22
C GLY A 225 -5.52 12.59 15.61
N GLN A 226 -4.55 11.96 16.25
CA GLN A 226 -4.06 12.35 17.58
C GLN A 226 -3.35 13.71 17.63
N LEU A 227 -2.56 13.94 16.58
CA LEU A 227 -1.85 15.18 16.43
C LEU A 227 -2.91 16.28 16.37
N LEU A 228 -3.91 16.19 15.55
CA LEU A 228 -4.88 17.27 15.46
C LEU A 228 -6.12 17.20 16.35
N ASN A 229 -6.35 16.00 16.83
CA ASN A 229 -7.50 15.62 17.65
C ASN A 229 -8.80 15.70 16.88
N VAL A 230 -8.86 15.25 15.64
CA VAL A 230 -10.12 15.27 14.96
C VAL A 230 -10.49 13.80 14.77
N GLY A 231 -11.73 13.64 14.31
CA GLY A 231 -12.26 12.32 14.03
C GLY A 231 -11.93 11.89 12.61
N PRO A 232 -12.10 10.60 12.29
CA PRO A 232 -11.81 9.99 10.95
C PRO A 232 -12.34 10.65 9.66
N SER A 233 -13.35 11.53 9.78
CA SER A 233 -14.01 12.27 8.68
C SER A 233 -13.31 13.58 8.43
N GLU A 234 -12.68 14.02 9.50
CA GLU A 234 -12.05 15.30 9.56
C GLU A 234 -10.53 15.34 9.34
N ARG A 235 -9.95 14.31 8.74
CA ARG A 235 -8.49 14.20 8.51
C ARG A 235 -7.95 14.47 7.11
N LEU A 236 -8.69 14.99 6.14
CA LEU A 236 -8.19 15.23 4.79
C LEU A 236 -7.05 16.23 4.73
N SER A 237 -7.15 17.43 5.31
CA SER A 237 -6.06 18.42 5.27
C SER A 237 -4.76 17.90 5.84
N GLY A 238 -4.83 17.15 6.92
CA GLY A 238 -3.66 16.56 7.52
C GLY A 238 -3.21 15.39 6.68
N SER A 239 -4.08 14.59 6.05
CA SER A 239 -3.67 13.50 5.14
C SER A 239 -3.01 14.07 3.88
N LEU A 240 -3.42 15.22 3.35
CA LEU A 240 -2.79 15.82 2.17
C LEU A 240 -1.39 16.33 2.54
N ALA A 241 -1.22 16.96 3.70
CA ALA A 241 0.10 17.38 4.16
C ALA A 241 0.99 16.16 4.26
N CYS A 242 0.57 14.99 4.71
CA CYS A 242 1.47 13.86 4.76
C CYS A 242 1.86 13.37 3.37
N ALA A 243 1.01 13.49 2.39
CA ALA A 243 1.23 13.08 1.01
C ALA A 243 2.21 14.04 0.32
N VAL A 244 2.06 15.34 0.46
CA VAL A 244 3.03 16.32 -0.06
C VAL A 244 4.46 16.23 0.51
N ILE A 245 4.62 16.17 1.84
CA ILE A 245 5.89 15.90 2.57
C ILE A 245 6.57 14.66 1.97
N ALA A 246 5.80 13.55 1.97
CA ALA A 246 6.28 12.29 1.43
C ALA A 246 6.68 12.41 -0.02
N ALA A 247 5.92 12.99 -0.96
CA ALA A 247 6.28 13.06 -2.38
C ALA A 247 7.40 14.11 -2.70
N MET A 248 7.52 15.13 -1.86
CA MET A 248 8.62 16.08 -1.89
C MET A 248 9.94 15.39 -1.68
N GLN A 249 9.92 14.38 -0.86
CA GLN A 249 11.11 13.58 -0.60
C GLN A 249 11.20 12.40 -1.58
N GLY A 250 10.48 12.36 -2.69
CA GLY A 250 10.60 11.30 -3.66
C GLY A 250 9.87 9.98 -3.51
N ALA A 251 8.92 9.74 -2.60
CA ALA A 251 8.16 8.50 -2.53
C ALA A 251 7.49 8.29 -3.88
N HIS A 252 7.40 7.03 -4.27
CA HIS A 252 6.93 6.69 -5.61
C HIS A 252 5.43 6.45 -5.64
N ILE A 253 4.82 5.85 -4.60
CA ILE A 253 3.38 5.57 -4.60
C ILE A 253 2.80 6.02 -3.24
N ILE A 254 1.67 6.71 -3.22
CA ILE A 254 1.02 7.24 -2.02
C ILE A 254 -0.33 6.54 -2.01
N ARG A 255 -0.61 5.66 -1.04
CA ARG A 255 -1.87 4.92 -0.94
C ARG A 255 -2.91 5.75 -0.18
N VAL A 256 -3.91 6.30 -0.86
CA VAL A 256 -4.93 7.18 -0.24
C VAL A 256 -6.44 6.79 -0.40
N HIS A 257 -7.27 7.42 0.44
CA HIS A 257 -8.72 7.28 0.33
C HIS A 257 -9.22 8.43 -0.53
N ASP A 258 -8.62 9.58 -0.45
CA ASP A 258 -9.16 10.74 -1.10
C ASP A 258 -8.42 11.03 -2.35
N VAL A 259 -8.62 10.18 -3.37
CA VAL A 259 -7.92 10.25 -4.66
C VAL A 259 -8.01 11.60 -5.38
N LYS A 260 -9.16 12.22 -5.55
CA LYS A 260 -9.22 13.49 -6.26
C LYS A 260 -8.33 14.58 -5.65
N GLU A 261 -8.43 14.82 -4.38
CA GLU A 261 -7.66 15.87 -3.79
C GLU A 261 -6.22 15.37 -3.76
N THR A 262 -5.79 14.16 -3.43
CA THR A 262 -4.37 13.80 -3.48
C THR A 262 -3.81 14.00 -4.89
N VAL A 263 -4.44 13.50 -5.98
CA VAL A 263 -3.92 13.64 -7.34
C VAL A 263 -3.65 15.11 -7.65
N GLU A 264 -4.59 15.96 -7.30
CA GLU A 264 -4.48 17.39 -7.41
C GLU A 264 -3.26 17.93 -6.63
N ALA A 265 -2.98 17.44 -5.42
CA ALA A 265 -1.76 17.79 -4.64
C ALA A 265 -0.49 17.30 -5.37
N MET A 266 -0.49 16.08 -5.90
CA MET A 266 0.65 15.50 -6.61
C MET A 266 1.07 16.28 -7.83
N ARG A 267 0.12 17.00 -8.41
CA ARG A 267 0.36 17.80 -9.61
C ARG A 267 1.20 19.03 -9.31
N VAL A 268 0.94 19.64 -8.14
CA VAL A 268 1.64 20.82 -7.66
C VAL A 268 3.06 20.39 -7.25
N VAL A 269 3.22 19.22 -6.66
CA VAL A 269 4.50 18.66 -6.31
C VAL A 269 5.30 18.41 -7.57
N GLU A 270 4.72 17.79 -8.60
CA GLU A 270 5.33 17.57 -9.91
C GLU A 270 5.88 18.88 -10.44
N ALA A 271 5.01 19.86 -10.57
CA ALA A 271 5.35 21.18 -11.03
C ALA A 271 6.58 21.67 -10.32
N THR A 272 6.60 21.52 -9.03
CA THR A 272 7.72 21.93 -8.20
C THR A 272 9.00 21.06 -8.35
N LEU A 273 8.96 19.75 -8.28
CA LEU A 273 10.17 18.95 -8.34
C LEU A 273 10.72 19.10 -9.73
N SER A 274 9.95 19.27 -10.78
CA SER A 274 10.48 19.52 -12.12
C SER A 274 11.30 20.82 -12.20
N ALA A 275 11.00 21.87 -11.46
CA ALA A 275 11.82 23.07 -11.52
C ALA A 275 12.99 22.89 -10.55
N LYS A 276 13.02 21.88 -9.70
CA LYS A 276 14.02 21.71 -8.67
C LYS A 276 15.25 20.92 -9.16
N GLU A 277 16.39 21.62 -9.23
CA GLU A 277 17.67 21.05 -9.70
C GLU A 277 17.89 19.52 -9.42
N ASN A 278 17.77 18.98 -8.20
CA ASN A 278 18.04 17.54 -8.01
C ASN A 278 16.73 16.75 -7.83
N LYS A 279 15.62 17.34 -8.24
CA LYS A 279 14.29 16.74 -8.17
C LYS A 279 13.95 16.11 -6.83
N ARG A 280 14.39 16.50 -5.65
CA ARG A 280 14.00 15.84 -4.40
C ARG A 280 14.30 16.79 -3.25
N TYR A 281 13.63 16.79 -2.12
CA TYR A 281 14.01 17.63 -1.01
C TYR A 281 14.52 16.72 0.07
N GLU A 282 15.46 17.17 0.87
CA GLU A 282 16.11 16.36 1.90
C GLU A 282 16.47 17.14 3.13
S SO4 B . -8.09 6.34 14.74
O1 SO4 B . -9.20 6.02 13.85
O2 SO4 B . -8.26 7.65 15.33
O3 SO4 B . -7.95 5.42 15.84
O4 SO4 B . -6.94 6.24 13.89
N1 2PH C . -1.99 0.55 5.49
C2 2PH C . -3.13 -0.07 5.70
C3 2PH C . -3.59 -1.26 4.97
N4 2PH C . -2.70 -1.61 3.91
N5 2PH C . -0.63 -1.32 2.60
C6 2PH C . 0.56 -0.71 2.52
N6 2PH C . 1.46 -1.07 1.54
N7 2PH C . 0.94 0.32 3.39
C8 2PH C . 0.12 0.74 4.42
O8 2PH C . 0.51 1.55 5.27
C9 2PH C . -1.12 0.14 4.50
C10 2PH C . -1.48 -0.94 3.60
C11 2PH C . -4.03 0.46 6.72
O4 2PH C . -5.08 -0.50 6.88
P1 2PH C . -6.45 -0.16 7.62
O1P 2PH C . -7.19 -1.47 7.75
O2P 2PH C . -6.09 0.67 8.79
O3P 2PH C . -7.17 0.71 6.54
P2 2PH C . -7.38 1.49 5.23
O4P 2PH C . -8.68 2.18 5.21
O5P 2PH C . -7.47 0.48 4.09
O6P 2PH C . -6.27 2.41 4.92
#